data_4MDF
#
_entry.id   4MDF
#
_cell.length_a   53.025
_cell.length_b   72.755
_cell.length_c   119.460
_cell.angle_alpha   90.00
_cell.angle_beta   90.00
_cell.angle_gamma   90.00
#
_symmetry.space_group_name_H-M   'P 21 21 21'
#
loop_
_entity.id
_entity.type
_entity.pdbx_description
1 polymer Metallophosphoesterase
2 polymer "DNA (5'-D(*CP*CP*TP*GP*T)-3')"
3 non-polymer "GUANOSINE-5'-TRIPHOSPHATE"
4 non-polymer 'MAGNESIUM ION'
5 non-polymer 'CITRIC ACID'
6 water water
#
loop_
_entity_poly.entity_id
_entity_poly.type
_entity_poly.pdbx_seq_one_letter_code
_entity_poly.pdbx_strand_id
1 'polypeptide(L)'
;SMKLTIPELSLVVLIGSSGSGKSTFAKKHFKPTEVISSNFCRGLVSDDENDQTVTGAAFDVLHYIVSKRLQLGKLTVVDA
TNVQESARKPLIEIAKDYHCFPVAVVFNLPEKVCQERNKNRTDRQVEEYVIRKHTQQMKKSIKGLQREGFRYVYILNSPE
EVEEVVFERQP
;
A,B
2 'polydeoxyribonucleotide' (DC)(DC)(DT)(DG)(DT) C,D
#
loop_
_chem_comp.id
_chem_comp.type
_chem_comp.name
_chem_comp.formula
CIT non-polymer 'CITRIC ACID' 'C6 H8 O7'
DC DNA linking 2'-DEOXYCYTIDINE-5'-MONOPHOSPHATE 'C9 H14 N3 O7 P'
DG DNA linking 2'-DEOXYGUANOSINE-5'-MONOPHOSPHATE 'C10 H14 N5 O7 P'
DT DNA linking THYMIDINE-5'-MONOPHOSPHATE 'C10 H15 N2 O8 P'
GTP non-polymer GUANOSINE-5'-TRIPHOSPHATE 'C10 H16 N5 O14 P3'
MG non-polymer 'MAGNESIUM ION' 'Mg 2'
#
# COMPACT_ATOMS: atom_id res chain seq x y z
N SER A 1 13.50 6.45 -8.51
CA SER A 1 13.30 5.03 -8.26
C SER A 1 11.98 4.78 -7.54
N MET A 2 11.59 3.51 -7.47
CA MET A 2 10.41 3.09 -6.72
C MET A 2 10.91 2.43 -5.45
N LYS A 3 10.94 3.19 -4.36
CA LYS A 3 11.52 2.68 -3.12
C LYS A 3 10.49 1.91 -2.31
N LEU A 4 10.83 0.65 -2.01
CA LEU A 4 9.97 -0.20 -1.21
C LEU A 4 10.64 -0.48 0.13
N THR A 5 10.08 0.05 1.20
CA THR A 5 10.66 -0.13 2.51
C THR A 5 10.21 -1.45 3.12
N ILE A 6 11.16 -2.22 3.63
CA ILE A 6 10.83 -3.44 4.33
C ILE A 6 11.66 -3.60 5.60
N PRO A 7 11.07 -4.17 6.65
CA PRO A 7 11.76 -4.44 7.91
C PRO A 7 12.82 -5.53 7.71
N GLU A 8 13.86 -5.52 8.53
CA GLU A 8 14.92 -6.55 8.45
C GLU A 8 14.33 -7.95 8.55
N LEU A 9 13.30 -8.10 9.38
CA LEU A 9 12.62 -9.38 9.52
C LEU A 9 11.26 -9.35 8.79
N SER A 10 11.30 -9.68 7.50
CA SER A 10 10.11 -9.62 6.65
C SER A 10 9.88 -10.96 6.00
N LEU A 11 8.61 -11.27 5.73
CA LEU A 11 8.27 -12.35 4.80
C LEU A 11 7.75 -11.66 3.56
N VAL A 12 8.57 -11.63 2.52
CA VAL A 12 8.21 -10.92 1.29
C VAL A 12 7.51 -11.88 0.35
N VAL A 13 6.22 -11.62 0.09
CA VAL A 13 5.41 -12.52 -0.75
C VAL A 13 5.24 -11.92 -2.14
N LEU A 14 5.87 -12.53 -3.14
CA LEU A 14 5.72 -12.07 -4.51
C LEU A 14 4.39 -12.56 -5.07
N ILE A 15 3.63 -11.67 -5.68
CA ILE A 15 2.32 -12.05 -6.20
C ILE A 15 2.24 -11.70 -7.67
N GLY A 16 2.10 -12.72 -8.51
CA GLY A 16 2.12 -12.45 -9.94
C GLY A 16 1.90 -13.71 -10.76
N SER A 17 1.35 -13.52 -11.94
CA SER A 17 1.12 -14.57 -12.91
C SER A 17 2.42 -15.25 -13.32
N SER A 18 2.33 -16.47 -13.83
CA SER A 18 3.47 -17.02 -14.53
C SER A 18 3.82 -16.01 -15.62
N GLY A 19 5.11 -15.78 -15.82
CA GLY A 19 5.56 -14.86 -16.85
C GLY A 19 5.66 -13.42 -16.42
N SER A 20 5.27 -13.11 -15.18
CA SER A 20 5.29 -11.72 -14.70
C SER A 20 6.69 -11.26 -14.26
N GLY A 21 7.62 -12.20 -14.15
CA GLY A 21 9.00 -11.87 -13.84
C GLY A 21 9.40 -11.98 -12.38
N LYS A 22 8.64 -12.76 -11.62
CA LYS A 22 8.91 -12.95 -10.19
C LYS A 22 10.33 -13.45 -9.91
N SER A 23 10.72 -14.52 -10.59
CA SER A 23 12.01 -15.14 -10.30
C SER A 23 13.15 -14.23 -10.70
N THR A 24 12.99 -13.54 -11.83
CA THR A 24 13.99 -12.59 -12.32
C THR A 24 14.17 -11.46 -11.30
N PHE A 25 13.04 -10.97 -10.80
CA PHE A 25 13.02 -9.91 -9.81
C PHE A 25 13.66 -10.35 -8.51
N ALA A 26 13.33 -11.56 -8.07
CA ALA A 26 13.84 -12.07 -6.81
C ALA A 26 15.36 -12.18 -6.86
N LYS A 27 15.90 -12.67 -7.98
CA LYS A 27 17.35 -12.80 -8.11
C LYS A 27 18.04 -11.44 -8.15
N LYS A 28 17.38 -10.46 -8.75
CA LYS A 28 18.01 -9.13 -8.85
C LYS A 28 18.12 -8.46 -7.49
N HIS A 29 17.15 -8.72 -6.62
CA HIS A 29 17.05 -7.96 -5.35
C HIS A 29 17.46 -8.68 -4.08
N PHE A 30 17.57 -10.00 -4.14
CA PHE A 30 17.80 -10.81 -2.95
C PHE A 30 18.84 -11.89 -3.18
N LYS A 31 19.58 -12.25 -2.14
CA LYS A 31 20.57 -13.32 -2.21
C LYS A 31 19.83 -14.65 -2.37
N PRO A 32 20.47 -15.64 -3.04
CA PRO A 32 19.80 -16.91 -3.35
C PRO A 32 19.16 -17.61 -2.17
N THR A 33 19.82 -17.62 -1.01
CA THR A 33 19.26 -18.34 0.13
C THR A 33 18.07 -17.62 0.76
N GLU A 34 17.91 -16.33 0.45
CA GLU A 34 16.74 -15.60 0.96
C GLU A 34 15.48 -15.91 0.17
N VAL A 35 15.64 -16.55 -0.99
CA VAL A 35 14.51 -16.76 -1.90
C VAL A 35 14.13 -18.23 -1.89
N ILE A 36 12.88 -18.53 -1.56
CA ILE A 36 12.41 -19.91 -1.63
C ILE A 36 11.30 -20.00 -2.68
N SER A 37 11.53 -20.87 -3.67
CA SER A 37 10.68 -20.89 -4.86
C SER A 37 9.86 -22.18 -4.89
N SER A 38 8.58 -22.08 -5.24
CA SER A 38 7.75 -23.27 -5.30
C SER A 38 8.21 -24.23 -6.40
N ASN A 39 8.66 -23.68 -7.52
CA ASN A 39 9.18 -24.53 -8.58
C ASN A 39 10.46 -25.26 -8.15
N PHE A 40 11.33 -24.56 -7.42
CA PHE A 40 12.52 -25.23 -6.88
C PHE A 40 12.10 -26.37 -5.96
N CYS A 41 11.06 -26.15 -5.17
CA CYS A 41 10.57 -27.20 -4.29
C CYS A 41 9.96 -28.37 -5.06
N ARG A 42 9.31 -28.09 -6.19
CA ARG A 42 8.85 -29.19 -7.04
C ARG A 42 10.03 -30.06 -7.46
N GLY A 43 11.14 -29.41 -7.79
CA GLY A 43 12.36 -30.11 -8.15
C GLY A 43 12.92 -30.90 -6.99
N LEU A 44 12.91 -30.31 -5.79
CA LEU A 44 13.45 -31.00 -4.61
C LEU A 44 12.77 -32.33 -4.34
N VAL A 45 11.45 -32.36 -4.53
CA VAL A 45 10.68 -33.55 -4.18
C VAL A 45 10.52 -34.55 -5.34
N SER A 46 10.68 -34.09 -6.58
CA SER A 46 10.31 -34.94 -7.73
C SER A 46 11.34 -35.06 -8.85
N ASP A 47 12.42 -34.28 -8.78
CA ASP A 47 13.39 -34.06 -9.87
C ASP A 47 12.90 -33.12 -10.99
N ASP A 48 11.64 -32.73 -10.96
CA ASP A 48 11.04 -31.98 -12.07
C ASP A 48 10.36 -30.71 -11.58
N GLU A 49 10.97 -29.56 -11.90
CA GLU A 49 10.37 -28.28 -11.49
C GLU A 49 9.03 -28.02 -12.17
N ASN A 50 8.75 -28.73 -13.26
CA ASN A 50 7.54 -28.50 -14.05
C ASN A 50 6.43 -29.52 -13.75
N ASP A 51 6.64 -30.33 -12.71
CA ASP A 51 5.69 -31.40 -12.41
C ASP A 51 4.58 -30.86 -11.52
N GLN A 52 3.41 -30.64 -12.10
CA GLN A 52 2.32 -30.06 -11.34
C GLN A 52 1.65 -31.02 -10.37
N THR A 53 1.86 -32.33 -10.56
CA THR A 53 1.19 -33.31 -9.72
C THR A 53 1.81 -33.41 -8.32
N VAL A 54 2.99 -32.83 -8.14
CA VAL A 54 3.64 -32.88 -6.83
C VAL A 54 3.50 -31.56 -6.10
N THR A 55 2.56 -30.74 -6.55
CA THR A 55 2.33 -29.41 -5.97
C THR A 55 2.09 -29.43 -4.46
N GLY A 56 1.28 -30.40 -3.99
CA GLY A 56 1.03 -30.54 -2.57
C GLY A 56 2.29 -30.72 -1.74
N ALA A 57 3.14 -31.65 -2.16
CA ALA A 57 4.40 -31.91 -1.46
C ALA A 57 5.33 -30.70 -1.57
N ALA A 58 5.36 -30.06 -2.73
CA ALA A 58 6.25 -28.92 -2.93
C ALA A 58 5.91 -27.77 -1.97
N PHE A 59 4.63 -27.46 -1.82
CA PHE A 59 4.27 -26.39 -0.89
C PHE A 59 4.42 -26.80 0.57
N ASP A 60 4.27 -28.08 0.86
CA ASP A 60 4.57 -28.54 2.22
C ASP A 60 6.03 -28.24 2.54
N VAL A 61 6.91 -28.54 1.59
CA VAL A 61 8.34 -28.29 1.80
C VAL A 61 8.62 -26.78 1.89
N LEU A 62 8.01 -26.01 0.99
CA LEU A 62 8.21 -24.56 1.01
C LEU A 62 7.79 -23.97 2.36
N HIS A 63 6.61 -24.35 2.85
CA HIS A 63 6.12 -23.84 4.12
C HIS A 63 7.03 -24.25 5.28
N TYR A 64 7.56 -25.46 5.21
CA TYR A 64 8.43 -25.93 6.27
C TYR A 64 9.70 -25.11 6.33
N ILE A 65 10.27 -24.83 5.16
CA ILE A 65 11.49 -24.05 5.08
C ILE A 65 11.23 -22.62 5.53
N VAL A 66 10.12 -22.04 5.10
CA VAL A 66 9.75 -20.71 5.57
C VAL A 66 9.68 -20.67 7.09
N SER A 67 9.05 -21.68 7.69
CA SER A 67 8.89 -21.73 9.14
CA SER A 67 8.89 -21.70 9.14
C SER A 67 10.25 -21.75 9.84
N LYS A 68 11.16 -22.59 9.34
CA LYS A 68 12.49 -22.67 9.93
C LYS A 68 13.25 -21.35 9.86
N ARG A 69 13.17 -20.69 8.70
CA ARG A 69 13.85 -19.42 8.50
C ARG A 69 13.28 -18.32 9.40
N LEU A 70 11.97 -18.20 9.45
CA LEU A 70 11.38 -17.12 10.25
C LEU A 70 11.64 -17.36 11.74
N GLN A 71 11.62 -18.63 12.13
CA GLN A 71 12.00 -19.00 13.49
C GLN A 71 13.41 -18.52 13.81
N LEU A 72 14.31 -18.57 12.83
CA LEU A 72 15.69 -18.13 12.99
C LEU A 72 15.87 -16.64 12.70
N GLY A 73 14.75 -15.96 12.46
CA GLY A 73 14.77 -14.52 12.24
C GLY A 73 15.42 -14.08 10.93
N LYS A 74 15.27 -14.89 9.89
CA LYS A 74 15.88 -14.64 8.61
C LYS A 74 14.86 -14.15 7.61
N LEU A 75 15.14 -12.98 7.00
CA LEU A 75 14.28 -12.46 5.94
C LEU A 75 14.11 -13.50 4.84
N THR A 76 12.88 -13.66 4.37
CA THR A 76 12.56 -14.71 3.41
C THR A 76 11.64 -14.16 2.33
N VAL A 77 11.93 -14.52 1.08
CA VAL A 77 11.12 -14.11 -0.06
C VAL A 77 10.45 -15.34 -0.64
N VAL A 78 9.13 -15.30 -0.81
CA VAL A 78 8.42 -16.45 -1.38
C VAL A 78 8.17 -16.22 -2.87
N ASP A 79 8.84 -17.03 -3.69
CA ASP A 79 8.73 -16.94 -5.13
C ASP A 79 7.76 -18.01 -5.60
N ALA A 80 6.48 -17.66 -5.61
CA ALA A 80 5.40 -18.51 -6.13
C ALA A 80 4.38 -17.53 -6.67
N THR A 81 3.33 -17.99 -7.35
CA THR A 81 2.37 -17.02 -7.88
C THR A 81 1.61 -16.29 -6.79
N ASN A 82 1.22 -17.03 -5.75
CA ASN A 82 0.51 -16.43 -4.61
C ASN A 82 -0.73 -15.62 -5.01
N VAL A 83 -1.38 -16.02 -6.10
CA VAL A 83 -2.53 -15.26 -6.61
C VAL A 83 -3.85 -15.75 -6.02
N GLN A 84 -3.81 -16.88 -5.32
CA GLN A 84 -4.99 -17.39 -4.61
C GLN A 84 -4.91 -17.01 -3.15
N GLU A 85 -6.02 -16.55 -2.57
CA GLU A 85 -6.06 -16.24 -1.14
C GLU A 85 -5.64 -17.45 -0.29
N SER A 86 -6.04 -18.64 -0.72
CA SER A 86 -5.72 -19.86 0.02
C SER A 86 -4.21 -20.14 0.06
N ALA A 87 -3.48 -19.63 -0.92
CA ALA A 87 -2.03 -19.76 -0.94
C ALA A 87 -1.38 -18.77 0.02
N ARG A 88 -1.95 -17.58 0.12
CA ARG A 88 -1.34 -16.56 0.95
C ARG A 88 -1.64 -16.80 2.43
N LYS A 89 -2.76 -17.44 2.71
CA LYS A 89 -3.23 -17.63 4.09
C LYS A 89 -2.19 -18.32 5.00
N PRO A 90 -1.64 -19.48 4.59
CA PRO A 90 -0.66 -20.10 5.49
C PRO A 90 0.61 -19.27 5.65
N LEU A 91 0.98 -18.51 4.61
CA LEU A 91 2.17 -17.66 4.71
C LEU A 91 1.98 -16.58 5.77
N ILE A 92 0.81 -15.95 5.78
CA ILE A 92 0.50 -14.97 6.81
C ILE A 92 0.52 -15.60 8.19
N GLU A 93 -0.05 -16.79 8.31
CA GLU A 93 -0.13 -17.49 9.59
C GLU A 93 1.27 -17.84 10.11
N ILE A 94 2.14 -18.32 9.23
CA ILE A 94 3.50 -18.63 9.65
C ILE A 94 4.24 -17.36 10.07
N ALA A 95 4.06 -16.28 9.30
CA ALA A 95 4.66 -15.01 9.67
C ALA A 95 4.20 -14.57 11.07
N LYS A 96 2.91 -14.71 11.35
CA LYS A 96 2.37 -14.31 12.65
C LYS A 96 2.94 -15.16 13.77
N ASP A 97 3.13 -16.45 13.49
CA ASP A 97 3.69 -17.39 14.47
C ASP A 97 5.04 -16.92 14.98
N TYR A 98 5.81 -16.26 14.11
CA TYR A 98 7.17 -15.89 14.46
C TYR A 98 7.39 -14.37 14.52
N HIS A 99 6.29 -13.65 14.65
CA HIS A 99 6.32 -12.20 14.82
C HIS A 99 7.09 -11.51 13.70
N CYS A 100 6.84 -11.97 12.48
CA CYS A 100 7.47 -11.41 11.30
CA CYS A 100 7.47 -11.45 11.28
C CYS A 100 6.46 -10.64 10.48
N PHE A 101 6.92 -9.59 9.81
CA PHE A 101 6.01 -8.74 9.05
C PHE A 101 5.84 -9.22 7.63
N PRO A 102 4.59 -9.50 7.22
CA PRO A 102 4.33 -9.90 5.84
C PRO A 102 4.26 -8.68 4.94
N VAL A 103 4.94 -8.78 3.80
CA VAL A 103 5.01 -7.74 2.81
C VAL A 103 4.54 -8.33 1.49
N ALA A 104 3.61 -7.65 0.82
CA ALA A 104 3.15 -8.10 -0.48
C ALA A 104 3.78 -7.27 -1.58
N VAL A 105 4.37 -7.93 -2.58
CA VAL A 105 4.88 -7.22 -3.75
C VAL A 105 4.14 -7.78 -4.96
N VAL A 106 3.30 -6.94 -5.57
CA VAL A 106 2.37 -7.43 -6.59
C VAL A 106 2.79 -6.98 -7.98
N PHE A 107 2.91 -7.96 -8.88
CA PHE A 107 3.28 -7.66 -10.26
C PHE A 107 2.01 -7.44 -11.08
N ASN A 108 1.48 -6.23 -11.01
CA ASN A 108 0.21 -5.91 -11.62
C ASN A 108 0.43 -5.51 -13.08
N LEU A 109 0.88 -6.48 -13.88
CA LEU A 109 1.21 -6.25 -15.27
C LEU A 109 0.05 -6.70 -16.14
N PRO A 110 -0.09 -6.08 -17.32
CA PRO A 110 -1.12 -6.52 -18.27
C PRO A 110 -0.94 -7.98 -18.63
N GLU A 111 -2.04 -8.69 -18.83
CA GLU A 111 -1.96 -10.09 -19.19
C GLU A 111 -1.11 -10.29 -20.45
N LYS A 112 -1.27 -9.38 -21.40
CA LYS A 112 -0.55 -9.43 -22.68
C LYS A 112 0.97 -9.45 -22.50
N VAL A 113 1.48 -8.70 -21.53
CA VAL A 113 2.91 -8.70 -21.25
C VAL A 113 3.38 -10.08 -20.81
N CYS A 114 2.65 -10.67 -19.87
CA CYS A 114 3.02 -12.00 -19.38
C CYS A 114 2.93 -13.04 -20.49
N GLN A 115 1.90 -12.95 -21.32
CA GLN A 115 1.72 -13.89 -22.43
C GLN A 115 2.87 -13.82 -23.42
N GLU A 116 3.27 -12.60 -23.77
CA GLU A 116 4.38 -12.39 -24.69
C GLU A 116 5.68 -12.97 -24.14
N ARG A 117 5.96 -12.68 -22.87
CA ARG A 117 7.15 -13.24 -22.22
C ARG A 117 7.11 -14.76 -22.19
N ASN A 118 5.95 -15.30 -21.85
CA ASN A 118 5.77 -16.74 -21.79
C ASN A 118 6.07 -17.38 -23.12
N LYS A 119 5.55 -16.77 -24.18
CA LYS A 119 5.71 -17.26 -25.54
C LYS A 119 7.18 -17.36 -25.94
N ASN A 120 8.00 -16.45 -25.42
CA ASN A 120 9.42 -16.41 -25.77
C ASN A 120 10.35 -17.16 -24.81
N ARG A 121 9.79 -17.78 -23.78
CA ARG A 121 10.61 -18.55 -22.84
C ARG A 121 11.16 -19.82 -23.46
N THR A 122 12.36 -20.20 -23.04
CA THR A 122 12.96 -21.44 -23.48
C THR A 122 13.15 -22.40 -22.31
N ASP A 123 12.99 -21.91 -21.09
CA ASP A 123 13.18 -22.73 -19.91
C ASP A 123 11.94 -23.55 -19.56
N ARG A 124 10.79 -22.91 -19.59
CA ARG A 124 9.53 -23.52 -19.16
C ARG A 124 8.42 -22.59 -19.59
N GLN A 125 7.30 -23.15 -20.05
CA GLN A 125 6.15 -22.35 -20.44
C GLN A 125 4.87 -22.91 -19.85
N VAL A 126 3.83 -22.09 -19.85
CA VAL A 126 2.48 -22.54 -19.51
C VAL A 126 1.53 -22.18 -20.65
N GLU A 127 0.35 -22.80 -20.65
CA GLU A 127 -0.66 -22.51 -21.66
C GLU A 127 -1.28 -21.15 -21.38
N GLU A 128 -1.77 -20.49 -22.43
CA GLU A 128 -2.33 -19.14 -22.31
C GLU A 128 -3.42 -19.04 -21.25
N TYR A 129 -4.29 -20.04 -21.15
CA TYR A 129 -5.37 -19.98 -20.17
C TYR A 129 -4.87 -19.84 -18.73
N VAL A 130 -3.68 -20.38 -18.46
CA VAL A 130 -3.10 -20.34 -17.12
C VAL A 130 -2.77 -18.90 -16.76
N ILE A 131 -2.11 -18.21 -17.68
CA ILE A 131 -1.76 -16.80 -17.47
C ILE A 131 -3.00 -15.92 -17.42
N ARG A 132 -3.99 -16.20 -18.25
CA ARG A 132 -5.22 -15.42 -18.18
C ARG A 132 -5.86 -15.56 -16.80
N LYS A 133 -5.91 -16.79 -16.30
CA LYS A 133 -6.46 -17.05 -14.97
C LYS A 133 -5.63 -16.41 -13.87
N HIS A 134 -4.31 -16.61 -13.90
CA HIS A 134 -3.44 -16.00 -12.88
C HIS A 134 -3.63 -14.50 -12.82
N THR A 135 -3.71 -13.87 -13.98
CA THR A 135 -3.81 -12.42 -14.04
C THR A 135 -5.13 -11.93 -13.45
N GLN A 136 -6.22 -12.62 -13.76
CA GLN A 136 -7.51 -12.30 -13.17
C GLN A 136 -7.49 -12.45 -11.65
N GLN A 137 -6.87 -13.54 -11.17
CA GLN A 137 -6.79 -13.78 -9.73
C GLN A 137 -5.92 -12.73 -9.02
N MET A 138 -4.81 -12.37 -9.66
CA MET A 138 -3.94 -11.32 -9.14
C MET A 138 -4.71 -10.02 -9.00
N LYS A 139 -5.45 -9.63 -10.04
CA LYS A 139 -6.16 -8.34 -10.01
C LYS A 139 -7.26 -8.34 -8.95
N LYS A 140 -7.93 -9.48 -8.79
CA LYS A 140 -9.00 -9.61 -7.81
C LYS A 140 -8.46 -9.62 -6.38
N SER A 141 -7.17 -9.95 -6.24
CA SER A 141 -6.52 -10.05 -4.93
C SER A 141 -6.10 -8.72 -4.32
N ILE A 142 -5.84 -7.73 -5.15
CA ILE A 142 -5.17 -6.50 -4.70
C ILE A 142 -5.89 -5.77 -3.56
N LYS A 143 -7.18 -5.56 -3.71
CA LYS A 143 -7.93 -4.75 -2.76
C LYS A 143 -7.83 -5.29 -1.33
N GLY A 144 -7.91 -6.62 -1.18
CA GLY A 144 -8.00 -7.22 0.13
C GLY A 144 -6.69 -7.58 0.83
N LEU A 145 -5.55 -7.30 0.21
CA LEU A 145 -4.27 -7.73 0.77
C LEU A 145 -3.97 -7.14 2.15
N GLN A 146 -4.23 -5.84 2.35
CA GLN A 146 -3.96 -5.24 3.65
C GLN A 146 -4.80 -5.94 4.73
N ARG A 147 -6.08 -6.16 4.44
CA ARG A 147 -6.99 -6.82 5.38
C ARG A 147 -6.59 -8.26 5.67
N GLU A 148 -5.99 -8.94 4.68
CA GLU A 148 -5.46 -10.29 4.90
C GLU A 148 -4.34 -10.34 5.94
N GLY A 149 -3.64 -9.22 6.14
CA GLY A 149 -2.60 -9.19 7.13
C GLY A 149 -1.26 -8.71 6.59
N PHE A 150 -1.22 -8.37 5.32
CA PHE A 150 0.00 -7.77 4.77
C PHE A 150 0.19 -6.36 5.33
N ARG A 151 1.28 -6.16 6.06
CA ARG A 151 1.51 -4.90 6.76
C ARG A 151 1.97 -3.81 5.80
N TYR A 152 2.62 -4.23 4.73
CA TYR A 152 3.02 -3.36 3.65
C TYR A 152 2.56 -3.98 2.34
N VAL A 153 1.89 -3.19 1.53
CA VAL A 153 1.40 -3.68 0.24
C VAL A 153 1.96 -2.77 -0.85
N TYR A 154 2.80 -3.33 -1.71
CA TYR A 154 3.39 -2.60 -2.81
C TYR A 154 2.92 -3.17 -4.13
N ILE A 155 2.30 -2.32 -4.94
CA ILE A 155 1.80 -2.75 -6.25
C ILE A 155 2.64 -2.12 -7.35
N LEU A 156 3.17 -2.95 -8.25
CA LEU A 156 3.97 -2.48 -9.36
C LEU A 156 3.13 -2.59 -10.63
N ASN A 157 2.92 -1.46 -11.31
CA ASN A 157 1.90 -1.38 -12.34
C ASN A 157 2.38 -1.42 -13.79
N SER A 158 3.68 -1.55 -13.98
CA SER A 158 4.28 -1.60 -15.32
C SER A 158 5.68 -2.18 -15.23
N PRO A 159 6.22 -2.67 -16.36
CA PRO A 159 7.60 -3.15 -16.35
C PRO A 159 8.56 -2.05 -15.96
N GLU A 160 8.26 -0.81 -16.32
CA GLU A 160 9.11 0.30 -15.92
C GLU A 160 9.18 0.44 -14.41
N GLU A 161 8.03 0.33 -13.75
CA GLU A 161 7.99 0.40 -12.29
C GLU A 161 8.73 -0.76 -11.64
N VAL A 162 8.56 -1.95 -12.20
CA VAL A 162 9.26 -3.12 -11.67
C VAL A 162 10.77 -2.91 -11.75
N GLU A 163 11.24 -2.42 -12.90
CA GLU A 163 12.66 -2.28 -13.15
C GLU A 163 13.28 -1.30 -12.16
N GLU A 164 12.51 -0.28 -11.78
CA GLU A 164 12.95 0.82 -10.93
C GLU A 164 13.02 0.51 -9.45
N VAL A 165 12.50 -0.64 -9.04
CA VAL A 165 12.44 -0.96 -7.61
C VAL A 165 13.79 -0.92 -6.91
N VAL A 166 13.84 -0.26 -5.75
CA VAL A 166 14.95 -0.41 -4.83
C VAL A 166 14.38 -0.73 -3.47
N PHE A 167 14.79 -1.84 -2.87
CA PHE A 167 14.37 -2.13 -1.50
C PHE A 167 15.19 -1.35 -0.50
N GLU A 168 14.50 -0.80 0.50
CA GLU A 168 15.17 -0.13 1.60
C GLU A 168 14.94 -0.95 2.85
N ARG A 169 15.95 -1.74 3.25
CA ARG A 169 15.82 -2.61 4.41
C ARG A 169 16.10 -1.85 5.70
N GLN A 170 15.05 -1.45 6.40
CA GLN A 170 15.18 -0.72 7.65
C GLN A 170 15.63 -1.66 8.78
N PRO A 171 16.67 -1.25 9.53
CA PRO A 171 17.33 -2.10 10.53
C PRO A 171 16.49 -2.29 11.79
N SER B 1 -6.91 -5.91 14.79
CA SER B 1 -6.91 -4.50 14.41
C SER B 1 -6.27 -4.30 13.03
N MET B 2 -6.32 -3.07 12.55
CA MET B 2 -5.74 -2.72 11.26
C MET B 2 -4.50 -1.88 11.54
N LYS B 3 -3.34 -2.52 11.61
CA LYS B 3 -2.12 -1.82 11.98
C LYS B 3 -1.46 -1.11 10.81
N LEU B 4 -1.26 0.19 10.97
CA LEU B 4 -0.63 1.03 9.96
C LEU B 4 0.72 1.53 10.48
N THR B 5 1.81 1.07 9.88
CA THR B 5 3.14 1.47 10.32
C THR B 5 3.51 2.81 9.71
N ILE B 6 3.99 3.74 10.54
CA ILE B 6 4.51 5.00 10.04
C ILE B 6 5.77 5.42 10.78
N PRO B 7 6.74 5.98 10.07
CA PRO B 7 7.95 6.41 10.76
C PRO B 7 7.71 7.64 11.63
N GLU B 8 8.60 7.87 12.61
CA GLU B 8 8.45 8.98 13.54
C GLU B 8 8.36 10.31 12.80
N LEU B 9 9.14 10.44 11.73
CA LEU B 9 9.06 11.62 10.89
C LEU B 9 8.33 11.30 9.59
N SER B 10 7.03 11.58 9.59
CA SER B 10 6.14 11.25 8.49
C SER B 10 5.34 12.49 8.11
N LEU B 11 4.95 12.57 6.84
CA LEU B 11 3.89 13.51 6.44
C LEU B 11 2.71 12.64 6.06
N VAL B 12 1.71 12.60 6.92
CA VAL B 12 0.56 11.73 6.71
C VAL B 12 -0.50 12.51 5.95
N VAL B 13 -0.78 12.07 4.73
CA VAL B 13 -1.73 12.79 3.86
C VAL B 13 -3.04 12.03 3.86
N LEU B 14 -4.06 12.61 4.47
CA LEU B 14 -5.37 11.97 4.50
C LEU B 14 -6.07 12.23 3.17
N ILE B 15 -6.64 11.19 2.58
CA ILE B 15 -7.27 11.34 1.27
C ILE B 15 -8.71 10.85 1.35
N GLY B 16 -9.66 11.75 1.10
CA GLY B 16 -11.06 11.37 1.25
C GLY B 16 -12.02 12.50 0.95
N SER B 17 -13.20 12.11 0.47
CA SER B 17 -14.29 13.02 0.19
C SER B 17 -14.69 13.79 1.43
N SER B 18 -15.31 14.95 1.23
CA SER B 18 -15.99 15.57 2.35
C SER B 18 -16.96 14.54 2.93
N GLY B 19 -17.04 14.50 4.25
CA GLY B 19 -17.94 13.57 4.91
C GLY B 19 -17.34 12.19 5.16
N SER B 20 -16.11 11.95 4.71
CA SER B 20 -15.54 10.61 4.86
C SER B 20 -14.96 10.35 6.24
N GLY B 21 -14.86 11.39 7.05
CA GLY B 21 -14.45 11.25 8.44
C GLY B 21 -12.99 11.55 8.73
N LYS B 22 -12.35 12.29 7.83
CA LYS B 22 -10.93 12.62 7.96
C LYS B 22 -10.61 13.34 9.27
N SER B 23 -11.37 14.39 9.57
CA SER B 23 -11.08 15.21 10.75
C SER B 23 -11.36 14.44 12.04
N THR B 24 -12.41 13.64 12.03
CA THR B 24 -12.75 12.80 13.17
C THR B 24 -11.61 11.79 13.40
N PHE B 25 -11.14 11.22 12.31
CA PHE B 25 -10.01 10.28 12.34
C PHE B 25 -8.74 10.93 12.89
N ALA B 26 -8.41 12.12 12.38
CA ALA B 26 -7.19 12.80 12.79
C ALA B 26 -7.19 13.10 14.28
N LYS B 27 -8.35 13.48 14.82
CA LYS B 27 -8.47 13.84 16.22
C LYS B 27 -8.31 12.62 17.13
N LYS B 28 -8.78 11.48 16.65
CA LYS B 28 -8.68 10.22 17.40
C LYS B 28 -7.23 9.70 17.48
N HIS B 29 -6.46 9.91 16.42
CA HIS B 29 -5.15 9.26 16.31
C HIS B 29 -3.91 10.14 16.49
N PHE B 30 -4.07 11.46 16.44
CA PHE B 30 -2.91 12.36 16.47
C PHE B 30 -3.09 13.49 17.46
N LYS B 31 -1.98 14.13 17.82
CA LYS B 31 -2.05 15.31 18.68
C LYS B 31 -2.65 16.47 17.89
N PRO B 32 -3.39 17.35 18.56
CA PRO B 32 -4.01 18.46 17.84
C PRO B 32 -3.02 19.27 17.00
N THR B 33 -1.82 19.51 17.53
CA THR B 33 -0.84 20.32 16.79
C THR B 33 -0.17 19.55 15.65
N GLU B 34 -0.34 18.24 15.63
CA GLU B 34 0.20 17.45 14.52
C GLU B 34 -0.70 17.54 13.29
N VAL B 35 -1.95 17.95 13.50
CA VAL B 35 -2.92 17.96 12.43
C VAL B 35 -3.08 19.38 11.89
N ILE B 36 -2.79 19.57 10.61
CA ILE B 36 -3.07 20.87 9.99
C ILE B 36 -4.18 20.70 8.95
N SER B 37 -5.25 21.48 9.15
CA SER B 37 -6.49 21.31 8.39
C SER B 37 -6.68 22.46 7.42
N SER B 38 -7.04 22.13 6.18
CA SER B 38 -7.28 23.16 5.17
C SER B 38 -8.45 24.05 5.55
N ASN B 39 -9.51 23.45 6.11
CA ASN B 39 -10.64 24.26 6.56
C ASN B 39 -10.24 25.22 7.68
N PHE B 40 -9.41 24.74 8.61
CA PHE B 40 -8.92 25.63 9.67
C PHE B 40 -8.16 26.80 9.08
N CYS B 41 -7.37 26.53 8.03
CA CYS B 41 -6.58 27.58 7.39
C CYS B 41 -7.47 28.57 6.65
N ARG B 42 -8.60 28.10 6.10
CA ARG B 42 -9.55 29.04 5.53
C ARG B 42 -10.05 30.00 6.61
N GLY B 43 -10.25 29.46 7.81
CA GLY B 43 -10.63 30.26 8.96
C GLY B 43 -9.53 31.23 9.35
N LEU B 44 -8.28 30.75 9.35
CA LEU B 44 -7.16 31.61 9.71
C LEU B 44 -7.06 32.85 8.83
N VAL B 45 -7.31 32.69 7.53
CA VAL B 45 -7.09 33.81 6.61
C VAL B 45 -8.33 34.67 6.40
N SER B 46 -9.52 34.10 6.62
CA SER B 46 -10.76 34.79 6.21
C SER B 46 -11.86 34.91 7.26
N ASP B 47 -11.64 34.31 8.43
CA ASP B 47 -12.64 34.11 9.50
C ASP B 47 -13.69 33.02 9.22
N ASP B 48 -13.70 32.46 8.02
CA ASP B 48 -14.78 31.56 7.60
C ASP B 48 -14.21 30.28 7.04
N GLU B 49 -14.36 29.18 7.77
CA GLU B 49 -13.85 27.88 7.33
C GLU B 49 -14.58 27.35 6.10
N ASN B 50 -15.74 27.94 5.79
CA ASN B 50 -16.56 27.47 4.67
C ASN B 50 -16.41 28.33 3.41
N ASP B 51 -15.49 29.29 3.44
CA ASP B 51 -15.32 30.23 2.34
C ASP B 51 -14.39 29.64 1.27
N GLN B 52 -14.95 29.17 0.16
CA GLN B 52 -14.14 28.55 -0.88
C GLN B 52 -13.35 29.56 -1.71
N THR B 53 -13.70 30.84 -1.63
CA THR B 53 -12.99 31.82 -2.44
C THR B 53 -11.60 32.16 -1.89
N VAL B 54 -11.31 31.72 -0.67
CA VAL B 54 -9.98 31.97 -0.10
C VAL B 54 -9.10 30.72 -0.08
N THR B 55 -9.51 29.73 -0.85
CA THR B 55 -8.78 28.46 -0.93
C THR B 55 -7.30 28.61 -1.28
N GLY B 56 -6.97 29.55 -2.17
CA GLY B 56 -5.58 29.75 -2.55
C GLY B 56 -4.73 30.18 -1.36
N ALA B 57 -5.20 31.20 -0.65
CA ALA B 57 -4.49 31.69 0.53
C ALA B 57 -4.43 30.62 1.61
N ALA B 58 -5.53 29.88 1.79
CA ALA B 58 -5.58 28.85 2.83
C ALA B 58 -4.52 27.78 2.61
N PHE B 59 -4.39 27.30 1.38
CA PHE B 59 -3.38 26.28 1.09
C PHE B 59 -1.96 26.83 1.09
N ASP B 60 -1.79 28.12 0.76
CA ASP B 60 -0.48 28.73 0.93
C ASP B 60 -0.07 28.67 2.39
N VAL B 61 -1.00 29.02 3.27
CA VAL B 61 -0.72 28.98 4.70
C VAL B 61 -0.47 27.54 5.17
N LEU B 62 -1.30 26.61 4.70
CA LEU B 62 -1.13 25.20 5.08
C LEU B 62 0.25 24.69 4.70
N HIS B 63 0.64 24.92 3.45
CA HIS B 63 1.93 24.48 2.95
C HIS B 63 3.07 25.10 3.74
N TYR B 64 2.89 26.37 4.12
CA TYR B 64 3.91 27.05 4.88
C TYR B 64 4.10 26.43 6.25
N ILE B 65 3.00 26.09 6.90
CA ILE B 65 3.06 25.50 8.23
C ILE B 65 3.68 24.11 8.14
N VAL B 66 3.26 23.36 7.13
CA VAL B 66 3.85 22.03 6.91
C VAL B 66 5.36 22.14 6.77
N SER B 67 5.84 23.10 5.97
CA SER B 67 7.28 23.27 5.76
CA SER B 67 7.27 23.24 5.76
C SER B 67 7.98 23.60 7.07
N LYS B 68 7.37 24.46 7.86
CA LYS B 68 8.00 24.82 9.14
C LYS B 68 8.10 23.60 10.06
N ARG B 69 7.06 22.78 10.07
CA ARG B 69 7.05 21.59 10.90
C ARG B 69 8.09 20.56 10.45
N LEU B 70 8.16 20.30 9.16
CA LEU B 70 9.12 19.30 8.68
C LEU B 70 10.57 19.78 8.83
N GLN B 71 10.79 21.09 8.69
CA GLN B 71 12.10 21.67 8.98
C GLN B 71 12.54 21.35 10.40
N LEU B 72 11.58 21.26 11.31
CA LEU B 72 11.85 20.98 12.72
C LEU B 72 11.68 19.49 13.05
N GLY B 73 11.50 18.66 12.04
CA GLY B 73 11.38 17.22 12.22
C GLY B 73 10.14 16.75 12.98
N LYS B 74 9.05 17.48 12.83
CA LYS B 74 7.80 17.16 13.50
C LYS B 74 6.83 16.44 12.58
N LEU B 75 6.35 15.26 13.00
CA LEU B 75 5.32 14.53 12.26
C LEU B 75 4.12 15.43 12.02
N THR B 76 3.59 15.38 10.81
CA THR B 76 2.52 16.29 10.42
C THR B 76 1.47 15.52 9.62
N VAL B 77 0.20 15.82 9.90
CA VAL B 77 -0.92 15.17 9.22
C VAL B 77 -1.69 16.23 8.45
N VAL B 78 -1.87 16.02 7.16
CA VAL B 78 -2.61 16.99 6.34
C VAL B 78 -4.08 16.59 6.26
N ASP B 79 -4.93 17.37 6.91
CA ASP B 79 -6.35 17.11 6.92
C ASP B 79 -7.03 17.99 5.88
N ALA B 80 -7.07 17.48 4.65
CA ALA B 80 -7.74 18.10 3.51
C ALA B 80 -8.21 16.94 2.65
N THR B 81 -9.00 17.19 1.60
CA THR B 81 -9.50 16.08 0.80
C THR B 81 -8.39 15.35 0.05
N ASN B 82 -7.46 16.13 -0.52
CA ASN B 82 -6.29 15.58 -1.21
C ASN B 82 -6.69 14.60 -2.30
N VAL B 83 -7.84 14.84 -2.94
CA VAL B 83 -8.34 13.91 -3.95
C VAL B 83 -7.88 14.28 -5.36
N GLN B 84 -7.23 15.42 -5.49
CA GLN B 84 -6.65 15.84 -6.77
C GLN B 84 -5.14 15.65 -6.74
N GLU B 85 -4.58 15.08 -7.80
CA GLU B 85 -3.14 14.92 -7.90
C GLU B 85 -2.42 16.25 -7.70
N SER B 86 -3.01 17.33 -8.21
CA SER B 86 -2.41 18.65 -8.10
C SER B 86 -2.33 19.13 -6.65
N ALA B 87 -3.20 18.61 -5.79
CA ALA B 87 -3.14 18.92 -4.36
C ALA B 87 -2.04 18.11 -3.66
N ARG B 88 -1.87 16.86 -4.07
CA ARG B 88 -0.89 16.00 -3.41
C ARG B 88 0.53 16.35 -3.82
N LYS B 89 0.70 16.80 -5.05
CA LYS B 89 2.02 17.09 -5.60
C LYS B 89 2.92 18.01 -4.74
N PRO B 90 2.40 19.18 -4.33
CA PRO B 90 3.26 20.03 -3.49
C PRO B 90 3.57 19.43 -2.12
N LEU B 91 2.67 18.62 -1.56
CA LEU B 91 2.93 17.96 -0.29
C LEU B 91 4.07 16.97 -0.40
N ILE B 92 4.07 16.20 -1.48
CA ILE B 92 5.16 15.27 -1.74
C ILE B 92 6.49 16.00 -1.90
N GLU B 93 6.46 17.12 -2.62
CA GLU B 93 7.67 17.94 -2.81
C GLU B 93 8.21 18.51 -1.49
N ILE B 94 7.32 18.98 -0.62
CA ILE B 94 7.77 19.47 0.68
C ILE B 94 8.40 18.35 1.50
N ALA B 95 7.76 17.18 1.50
CA ALA B 95 8.31 16.04 2.22
C ALA B 95 9.70 15.68 1.69
N LYS B 96 9.86 15.71 0.37
CA LYS B 96 11.16 15.41 -0.24
C LYS B 96 12.24 16.40 0.19
N ASP B 97 11.87 17.69 0.26
CA ASP B 97 12.81 18.74 0.63
C ASP B 97 13.38 18.53 2.02
N TYR B 98 12.61 17.91 2.89
CA TYR B 98 13.01 17.76 4.28
C TYR B 98 13.21 16.31 4.71
N HIS B 99 13.42 15.45 3.72
CA HIS B 99 13.72 14.04 3.95
C HIS B 99 12.71 13.37 4.87
N CYS B 100 11.44 13.67 4.59
CA CYS B 100 10.34 13.11 5.36
CA CYS B 100 10.32 13.16 5.35
C CYS B 100 9.59 12.10 4.52
N PHE B 101 9.14 11.04 5.16
CA PHE B 101 8.42 9.97 4.44
C PHE B 101 6.97 10.36 4.25
N PRO B 102 6.51 10.48 2.99
CA PRO B 102 5.09 10.72 2.76
C PRO B 102 4.27 9.44 2.88
N VAL B 103 3.17 9.53 3.60
CA VAL B 103 2.28 8.40 3.85
C VAL B 103 0.88 8.77 3.40
N ALA B 104 0.23 7.88 2.66
CA ALA B 104 -1.15 8.12 2.22
C ALA B 104 -2.11 7.26 3.02
N VAL B 105 -3.14 7.87 3.57
CA VAL B 105 -4.21 7.13 4.21
C VAL B 105 -5.53 7.46 3.50
N VAL B 106 -6.06 6.49 2.76
CA VAL B 106 -7.21 6.75 1.89
C VAL B 106 -8.50 6.24 2.50
N PHE B 107 -9.50 7.11 2.53
CA PHE B 107 -10.82 6.76 3.02
C PHE B 107 -11.70 6.30 1.87
N ASN B 108 -11.51 5.05 1.47
CA ASN B 108 -12.21 4.48 0.34
C ASN B 108 -13.60 3.98 0.77
N LEU B 109 -14.44 4.92 1.17
CA LEU B 109 -15.77 4.64 1.67
C LEU B 109 -16.79 4.88 0.56
N PRO B 110 -17.95 4.19 0.64
CA PRO B 110 -18.99 4.38 -0.36
C PRO B 110 -19.47 5.82 -0.40
N GLU B 111 -19.74 6.32 -1.60
CA GLU B 111 -20.33 7.63 -1.76
C GLU B 111 -21.55 7.82 -0.86
N LYS B 112 -22.39 6.79 -0.74
CA LYS B 112 -23.63 6.93 0.03
C LYS B 112 -23.40 7.19 1.52
N VAL B 113 -22.33 6.62 2.07
CA VAL B 113 -22.00 6.85 3.47
C VAL B 113 -21.60 8.30 3.69
N CYS B 114 -20.76 8.82 2.80
CA CYS B 114 -20.34 10.21 2.89
C CYS B 114 -21.55 11.12 2.74
N GLN B 115 -22.45 10.81 1.81
CA GLN B 115 -23.63 11.65 1.61
C GLN B 115 -24.53 11.65 2.85
N GLU B 116 -24.68 10.47 3.46
CA GLU B 116 -25.49 10.33 4.67
C GLU B 116 -24.91 11.14 5.82
N ARG B 117 -23.60 10.99 6.05
CA ARG B 117 -22.94 11.77 7.08
C ARG B 117 -23.08 13.27 6.84
N ASN B 118 -22.89 13.68 5.59
CA ASN B 118 -22.99 15.10 5.25
C ASN B 118 -24.39 15.65 5.56
N LYS B 119 -25.41 14.88 5.22
CA LYS B 119 -26.79 15.28 5.47
CA LYS B 119 -26.79 15.29 5.46
C LYS B 119 -27.05 15.52 6.95
N ASN B 120 -26.40 14.72 7.79
CA ASN B 120 -26.61 14.78 9.23
C ASN B 120 -25.65 15.70 10.00
N ARG B 121 -24.72 16.33 9.31
CA ARG B 121 -23.80 17.27 9.94
C ARG B 121 -24.47 18.57 10.34
N THR B 122 -24.03 19.13 11.46
CA THR B 122 -24.56 20.39 11.97
C THR B 122 -23.52 21.50 11.89
N ASP B 123 -22.26 21.13 11.67
CA ASP B 123 -21.17 22.11 11.68
C ASP B 123 -21.00 22.82 10.33
N ARG B 124 -20.97 22.03 9.26
CA ARG B 124 -20.67 22.54 7.93
C ARG B 124 -21.13 21.45 6.96
N GLN B 125 -21.65 21.84 5.80
CA GLN B 125 -22.06 20.86 4.79
C GLN B 125 -21.59 21.29 3.41
N VAL B 126 -21.54 20.33 2.48
CA VAL B 126 -21.32 20.64 1.07
C VAL B 126 -22.50 20.12 0.27
N GLU B 127 -22.62 20.56 -0.99
CA GLU B 127 -23.70 20.08 -1.85
C GLU B 127 -23.42 18.64 -2.27
N GLU B 128 -24.49 17.91 -2.60
CA GLU B 128 -24.34 16.50 -2.98
C GLU B 128 -23.40 16.30 -4.16
N TYR B 129 -23.40 17.22 -5.12
CA TYR B 129 -22.54 17.03 -6.30
C TYR B 129 -21.06 17.04 -5.91
N VAL B 130 -20.72 17.77 -4.86
CA VAL B 130 -19.33 17.85 -4.41
C VAL B 130 -18.85 16.48 -3.93
N ILE B 131 -19.69 15.81 -3.15
CA ILE B 131 -19.30 14.50 -2.61
C ILE B 131 -19.27 13.43 -3.71
N ARG B 132 -20.21 13.52 -4.65
CA ARG B 132 -20.17 12.65 -5.83
C ARG B 132 -18.83 12.81 -6.55
N LYS B 133 -18.43 14.05 -6.79
CA LYS B 133 -17.15 14.31 -7.43
C LYS B 133 -15.92 13.85 -6.61
N HIS B 134 -15.88 14.23 -5.34
CA HIS B 134 -14.76 13.83 -4.48
C HIS B 134 -14.59 12.32 -4.46
N THR B 135 -15.71 11.60 -4.36
CA THR B 135 -15.61 10.14 -4.31
C THR B 135 -15.02 9.58 -5.60
N GLN B 136 -15.46 10.10 -6.75
CA GLN B 136 -14.88 9.67 -8.03
C GLN B 136 -13.38 9.98 -8.12
N GLN B 137 -13.00 11.17 -7.64
CA GLN B 137 -11.60 11.56 -7.69
C GLN B 137 -10.74 10.70 -6.75
N MET B 138 -11.28 10.41 -5.57
CA MET B 138 -10.60 9.54 -4.61
C MET B 138 -10.36 8.18 -5.25
N LYS B 139 -11.38 7.64 -5.88
CA LYS B 139 -11.25 6.29 -6.45
C LYS B 139 -10.24 6.25 -7.59
N LYS B 140 -10.25 7.29 -8.43
CA LYS B 140 -9.29 7.38 -9.52
C LYS B 140 -7.86 7.57 -9.03
N SER B 141 -7.73 8.10 -7.82
CA SER B 141 -6.41 8.42 -7.28
C SER B 141 -5.64 7.22 -6.74
N ILE B 142 -6.35 6.18 -6.34
CA ILE B 142 -5.75 5.09 -5.56
C ILE B 142 -4.58 4.41 -6.28
N LYS B 143 -4.77 4.05 -7.55
CA LYS B 143 -3.76 3.27 -8.27
C LYS B 143 -2.39 3.95 -8.33
N GLY B 144 -2.38 5.26 -8.55
CA GLY B 144 -1.13 5.94 -8.81
C GLY B 144 -0.39 6.53 -7.62
N LEU B 145 -0.91 6.34 -6.41
CA LEU B 145 -0.31 6.99 -5.23
C LEU B 145 1.14 6.60 -4.95
N GLN B 146 1.45 5.30 -5.06
CA GLN B 146 2.83 4.89 -4.82
C GLN B 146 3.77 5.58 -5.82
N ARG B 147 3.36 5.63 -7.08
CA ARG B 147 4.20 6.22 -8.12
C ARG B 147 4.37 7.73 -7.90
N GLU B 148 3.37 8.36 -7.31
CA GLU B 148 3.46 9.80 -7.00
C GLU B 148 4.54 10.11 -5.97
N GLY B 149 4.92 9.12 -5.17
CA GLY B 149 5.94 9.32 -4.16
C GLY B 149 5.54 8.91 -2.75
N PHE B 150 4.31 8.45 -2.57
CA PHE B 150 3.90 7.96 -1.26
C PHE B 150 4.59 6.64 -0.94
N ARG B 151 5.38 6.64 0.14
CA ARG B 151 6.23 5.50 0.50
C ARG B 151 5.45 4.37 1.16
N TYR B 152 4.42 4.72 1.92
CA TYR B 152 3.42 3.78 2.41
C TYR B 152 2.06 4.26 1.94
N VAL B 153 1.27 3.33 1.40
CA VAL B 153 -0.08 3.63 0.97
C VAL B 153 -1.04 2.70 1.69
N TYR B 154 -1.92 3.27 2.50
CA TYR B 154 -2.89 2.50 3.26
C TYR B 154 -4.28 2.84 2.81
N ILE B 155 -5.03 1.84 2.35
CA ILE B 155 -6.40 2.08 1.91
C ILE B 155 -7.38 1.46 2.90
N LEU B 156 -8.29 2.28 3.39
CA LEU B 156 -9.33 1.84 4.33
C LEU B 156 -10.63 1.72 3.55
N ASN B 157 -11.18 0.50 3.50
CA ASN B 157 -12.25 0.19 2.55
C ASN B 157 -13.65 0.10 3.13
N SER B 158 -13.78 0.36 4.42
CA SER B 158 -15.09 0.38 5.07
C SER B 158 -15.00 1.11 6.40
N PRO B 159 -16.14 1.54 6.94
CA PRO B 159 -16.10 2.19 8.26
C PRO B 159 -15.54 1.25 9.32
N GLU B 160 -15.79 -0.04 9.18
CA GLU B 160 -15.26 -1.03 10.11
CA GLU B 160 -15.25 -1.02 10.12
C GLU B 160 -13.73 -1.02 10.10
N GLU B 161 -13.15 -0.95 8.91
CA GLU B 161 -11.69 -0.91 8.81
C GLU B 161 -11.13 0.39 9.36
N VAL B 162 -11.85 1.49 9.14
CA VAL B 162 -11.41 2.77 9.70
C VAL B 162 -11.38 2.70 11.22
N GLU B 163 -12.43 2.13 11.81
CA GLU B 163 -12.54 2.06 13.26
C GLU B 163 -11.43 1.24 13.90
N GLU B 164 -10.93 0.25 13.16
CA GLU B 164 -9.95 -0.71 13.66
C GLU B 164 -8.51 -0.24 13.55
N VAL B 165 -8.28 0.90 12.89
CA VAL B 165 -6.92 1.38 12.66
C VAL B 165 -6.17 1.63 13.97
N VAL B 166 -4.93 1.15 14.02
CA VAL B 166 -4.00 1.53 15.07
C VAL B 166 -2.68 1.89 14.40
N PHE B 167 -2.20 3.10 14.65
CA PHE B 167 -0.90 3.48 14.08
C PHE B 167 0.21 2.92 14.94
N GLU B 168 1.23 2.40 14.27
CA GLU B 168 2.43 1.96 14.95
C GLU B 168 3.55 2.88 14.51
N ARG B 169 3.96 3.80 15.40
CA ARG B 169 5.00 4.77 15.09
C ARG B 169 6.39 4.19 15.36
N GLN B 170 7.19 4.07 14.32
CA GLN B 170 8.51 3.46 14.44
C GLN B 170 9.65 4.48 14.52
N PRO B 171 10.36 4.50 15.66
CA PRO B 171 11.57 5.31 15.80
C PRO B 171 12.82 4.51 15.45
PG GTP E . 6.90 -18.46 -13.39
O1G GTP E . 6.42 -19.26 -14.57
O2G GTP E . 5.77 -18.28 -12.40
O3G GTP E . 8.08 -19.12 -12.73
O3B GTP E . 7.29 -17.05 -14.07
PB GTP E . 8.08 -15.86 -13.32
O1B GTP E . 9.06 -16.39 -12.31
O2B GTP E . 7.07 -14.88 -12.73
O3A GTP E . 8.81 -15.11 -14.53
PA GTP E . 10.39 -15.16 -14.88
O1A GTP E . 10.86 -16.59 -15.03
O2A GTP E . 11.22 -14.38 -13.91
O5' GTP E . 10.39 -14.45 -16.32
C5' GTP E . 9.62 -14.94 -17.40
C4' GTP E . 10.29 -14.47 -18.69
O4' GTP E . 10.14 -13.07 -18.76
C3' GTP E . 11.78 -14.78 -18.66
O3' GTP E . 12.16 -15.24 -19.93
C2' GTP E . 12.43 -13.45 -18.38
O2' GTP E . 13.70 -13.35 -18.98
C1' GTP E . 11.40 -12.44 -18.89
N9 GTP E . 11.47 -11.29 -17.99
C8 GTP E . 11.43 -11.36 -16.62
N7 GTP E . 11.53 -10.10 -16.12
C5 GTP E . 11.63 -9.24 -17.16
C6 GTP E . 11.75 -7.86 -17.21
O6 GTP E . 11.79 -7.22 -16.16
N1 GTP E . 11.84 -7.22 -18.43
C2 GTP E . 11.80 -7.97 -19.59
N2 GTP E . 11.89 -7.37 -20.78
N3 GTP E . 11.68 -9.35 -19.53
C4 GTP E . 11.60 -9.98 -18.33
MG MG F . 9.57 -18.24 -11.58
C1 CIT G . 0.69 -23.53 8.65
O1 CIT G . -0.27 -23.72 7.86
O2 CIT G . 0.75 -22.42 9.21
C2 CIT G . 1.70 -24.60 8.97
C3 CIT G . 2.65 -25.13 7.88
O7 CIT G . 3.71 -24.16 7.69
C4 CIT G . 3.41 -26.34 8.41
C5 CIT G . 4.61 -25.79 9.16
O3 CIT G . 5.77 -26.11 8.82
O4 CIT G . 4.47 -25.01 10.14
C6 CIT G . 2.03 -25.43 6.52
O5 CIT G . 1.23 -24.64 5.98
O6 CIT G . 2.35 -26.46 5.89
PG GTP H . -14.71 17.57 5.48
O1G GTP H . -15.98 18.23 4.97
O2G GTP H . -13.78 17.33 4.32
O3G GTP H . -14.00 18.42 6.50
O3B GTP H . -15.21 16.15 6.06
PB GTP H . -14.36 15.13 6.98
O1B GTP H . -13.34 15.84 7.80
O2B GTP H . -13.79 14.02 6.10
O3A GTP H . -15.49 14.42 7.89
PA GTP H . -15.76 14.65 9.47
O1A GTP H . -16.04 16.11 9.71
O2A GTP H . -14.66 14.04 10.30
O5' GTP H . -17.10 13.79 9.66
C5' GTP H . -18.29 14.14 8.96
C4' GTP H . -19.47 13.65 9.78
O4' GTP H . -19.44 12.24 9.83
C3' GTP H . -19.39 14.18 11.20
O3' GTP H . -20.67 14.63 11.59
C2' GTP H . -19.00 12.98 12.02
O2' GTP H . -19.63 13.03 13.28
C1' GTP H . -19.45 11.79 11.17
N9 GTP H . -18.46 10.72 11.30
C8 GTP H . -17.11 10.85 11.13
N7 GTP H . -16.54 9.65 11.33
C5 GTP H . -17.51 8.75 11.62
C6 GTP H . -17.47 7.39 11.91
O6 GTP H . -16.39 6.79 11.93
N1 GTP H . -18.65 6.72 12.17
C2 GTP H . -19.85 7.41 12.15
N2 GTP H . -20.99 6.76 12.39
N3 GTP H . -19.88 8.75 11.86
C4 GTP H . -18.72 9.42 11.61
MG MG I . -12.79 17.85 8.06
#